data_3FW5
#
_entry.id   3FW5
#
_cell.length_a   114.904
_cell.length_b   114.904
_cell.length_c   119.164
_cell.angle_alpha   90.00
_cell.angle_beta   90.00
_cell.angle_gamma   90.00
#
_symmetry.space_group_name_H-M   'P 41 21 2'
#
loop_
_entity.id
_entity.type
_entity.pdbx_description
1 polymer 'Neutrophil gelatinase-associated lipocalin'
2 non-polymer 'FE (III) ION'
3 non-polymer 4-METHYLCATECHOL
4 non-polymer 'SODIUM ION'
5 non-polymer 'CHLORIDE ION'
6 non-polymer GLYCEROL
7 water water
#
_entity_poly.entity_id   1
_entity_poly.type   'polypeptide(L)'
_entity_poly.pdbx_seq_one_letter_code
;QDSTSDLIPAPPLSKVPLQQNFQDNQFQGKWYVVGLAGNAILREDKDPQKMYATIYELKEDKSYNVTSVLFRKKKCDYWI
RTFVPGSQPGEFTLGNIKSYPGLTSYLVRVVSTNYNQHAMVFFKKVSQNREYFKITLYGRTKELTSELKENFIRFSKSLG
LPENHIVFPVPIDQCIDG
;
_entity_poly.pdbx_strand_id   A,B,C
#
# COMPACT_ATOMS: atom_id res chain seq x y z
N THR A 4 -21.44 -32.32 9.39
CA THR A 4 -20.07 -32.27 9.95
C THR A 4 -19.35 -30.99 9.53
N SER A 5 -18.58 -30.41 10.46
CA SER A 5 -17.87 -29.16 10.20
C SER A 5 -16.75 -28.96 11.23
N ASP A 6 -15.56 -28.61 10.75
CA ASP A 6 -14.41 -28.34 11.61
C ASP A 6 -13.92 -26.91 11.40
N LEU A 7 -13.96 -26.11 12.47
CA LEU A 7 -13.62 -24.69 12.39
C LEU A 7 -12.51 -24.32 13.37
N ILE A 8 -11.65 -23.40 12.96
CA ILE A 8 -10.68 -22.78 13.86
C ILE A 8 -11.48 -21.94 14.86
N PRO A 9 -11.20 -22.07 16.17
CA PRO A 9 -12.03 -21.39 17.17
C PRO A 9 -11.95 -19.87 17.10
N ALA A 10 -13.03 -19.21 17.46
CA ALA A 10 -13.08 -17.75 17.53
C ALA A 10 -12.18 -17.26 18.67
N PRO A 11 -11.42 -16.18 18.44
CA PRO A 11 -10.58 -15.66 19.49
C PRO A 11 -11.39 -15.00 20.61
N PRO A 12 -10.84 -14.94 21.83
CA PRO A 12 -11.50 -14.15 22.85
C PRO A 12 -11.42 -12.67 22.51
N LEU A 13 -12.45 -11.92 22.86
CA LEU A 13 -12.53 -10.50 22.52
C LEU A 13 -11.34 -9.69 23.04
N SER A 14 -10.68 -10.18 24.10
CA SER A 14 -9.46 -9.58 24.62
C SER A 14 -8.34 -9.45 23.58
N LYS A 15 -8.30 -10.38 22.62
CA LYS A 15 -7.29 -10.36 21.55
C LYS A 15 -7.65 -9.48 20.36
N VAL A 16 -8.87 -8.93 20.36
CA VAL A 16 -9.33 -8.07 19.27
C VAL A 16 -9.37 -6.62 19.75
N PRO A 17 -8.43 -5.78 19.29
CA PRO A 17 -8.44 -4.38 19.72
C PRO A 17 -9.66 -3.60 19.23
N LEU A 18 -9.93 -2.48 19.89
CA LEU A 18 -11.00 -1.57 19.50
C LEU A 18 -10.39 -0.23 19.09
N GLN A 19 -10.85 0.33 17.98
CA GLN A 19 -10.39 1.66 17.55
C GLN A 19 -10.79 2.70 18.59
N GLN A 20 -9.79 3.36 19.17
CA GLN A 20 -10.01 4.37 20.20
C GLN A 20 -10.64 5.61 19.60
N ASN A 21 -11.56 6.23 20.36
CA ASN A 21 -12.22 7.47 19.95
C ASN A 21 -12.89 7.33 18.59
N PHE A 22 -13.76 6.34 18.45
CA PHE A 22 -14.39 6.03 17.17
C PHE A 22 -15.36 7.11 16.72
N GLN A 23 -15.13 7.65 15.53
CA GLN A 23 -16.01 8.67 14.93
C GLN A 23 -16.90 8.03 13.88
N ASP A 24 -18.17 7.84 14.23
CA ASP A 24 -19.13 7.14 13.37
C ASP A 24 -19.42 7.88 12.05
N ASN A 25 -19.49 9.21 12.11
CA ASN A 25 -19.74 10.02 10.91
C ASN A 25 -18.60 9.97 9.89
N GLN A 26 -17.37 9.81 10.37
CA GLN A 26 -16.19 9.73 9.50
C GLN A 26 -16.00 8.36 8.86
N PHE A 27 -16.61 7.32 9.45
CA PHE A 27 -16.52 5.96 8.93
C PHE A 27 -17.51 5.71 7.79
N GLN A 28 -18.44 6.65 7.59
CA GLN A 28 -19.44 6.55 6.52
C GLN A 28 -18.81 6.50 5.14
N GLY A 29 -19.56 5.93 4.20
CA GLY A 29 -19.18 5.92 2.78
C GLY A 29 -18.77 4.55 2.29
N LYS A 30 -18.21 4.51 1.09
CA LYS A 30 -17.83 3.26 0.44
C LYS A 30 -16.45 2.79 0.89
N TRP A 31 -16.36 1.50 1.22
CA TRP A 31 -15.09 0.85 1.47
C TRP A 31 -14.95 -0.35 0.53
N TYR A 32 -13.77 -0.52 -0.04
CA TYR A 32 -13.45 -1.71 -0.82
C TYR A 32 -12.88 -2.78 0.11
N VAL A 33 -13.26 -4.03 -0.11
CA VAL A 33 -12.72 -5.14 0.65
C VAL A 33 -11.44 -5.63 -0.03
N VAL A 34 -10.30 -5.13 0.45
CA VAL A 34 -9.02 -5.46 -0.17
C VAL A 34 -8.37 -6.70 0.48
N GLY A 35 -8.80 -7.04 1.70
CA GLY A 35 -8.37 -8.26 2.36
C GLY A 35 -9.49 -8.95 3.12
N LEU A 36 -9.51 -10.27 3.05
CA LEU A 36 -10.47 -11.10 3.79
C LEU A 36 -9.73 -12.21 4.54
N ALA A 37 -10.08 -12.42 5.80
CA ALA A 37 -9.53 -13.52 6.59
C ALA A 37 -10.59 -14.07 7.54
N GLY A 38 -10.56 -15.38 7.80
CA GLY A 38 -11.49 -15.99 8.74
C GLY A 38 -11.51 -17.51 8.73
N ASN A 39 -12.21 -18.10 9.69
CA ASN A 39 -12.25 -19.57 9.83
C ASN A 39 -13.13 -20.27 8.79
N ALA A 40 -13.98 -19.50 8.09
CA ALA A 40 -14.76 -20.01 6.95
C ALA A 40 -14.24 -19.49 5.61
N ILE A 41 -13.15 -18.72 5.64
CA ILE A 41 -12.54 -18.17 4.43
C ILE A 41 -11.43 -19.10 3.95
N LEU A 42 -11.44 -19.44 2.67
CA LEU A 42 -10.44 -20.33 2.09
C LEU A 42 -9.87 -19.76 0.80
N ARG A 43 -8.54 -19.83 0.67
CA ARG A 43 -7.86 -19.49 -0.57
C ARG A 43 -8.34 -20.44 -1.67
N GLU A 44 -8.52 -19.92 -2.88
CA GLU A 44 -9.11 -20.68 -3.97
C GLU A 44 -8.54 -20.22 -5.31
N ASP A 45 -7.46 -20.87 -5.75
CA ASP A 45 -6.74 -20.47 -6.96
C ASP A 45 -7.50 -20.84 -8.25
N LYS A 46 -8.39 -21.82 -8.15
CA LYS A 46 -9.24 -22.21 -9.28
C LYS A 46 -10.23 -21.09 -9.64
N ASP A 47 -10.91 -20.56 -8.62
CA ASP A 47 -11.83 -19.44 -8.78
C ASP A 47 -11.56 -18.37 -7.70
N PRO A 48 -10.53 -17.53 -7.91
CA PRO A 48 -10.14 -16.53 -6.90
C PRO A 48 -11.22 -15.51 -6.57
N GLN A 49 -11.24 -15.09 -5.30
CA GLN A 49 -12.23 -14.15 -4.80
C GLN A 49 -12.17 -12.81 -5.53
N LYS A 50 -13.31 -12.34 -6.01
CA LYS A 50 -13.40 -11.02 -6.62
C LYS A 50 -13.67 -9.96 -5.55
N MET A 51 -13.04 -8.81 -5.69
CA MET A 51 -13.25 -7.68 -4.80
C MET A 51 -14.72 -7.27 -4.81
N TYR A 52 -15.25 -6.96 -3.62
CA TYR A 52 -16.57 -6.38 -3.48
C TYR A 52 -16.49 -5.13 -2.59
N ALA A 53 -17.59 -4.39 -2.50
CA ALA A 53 -17.60 -3.12 -1.77
C ALA A 53 -18.73 -3.09 -0.75
N THR A 54 -18.56 -2.25 0.27
CA THR A 54 -19.54 -2.12 1.35
C THR A 54 -19.73 -0.64 1.68
N ILE A 55 -20.97 -0.18 1.61
CA ILE A 55 -21.30 1.22 1.89
C ILE A 55 -21.91 1.37 3.28
N TYR A 56 -21.33 2.26 4.08
CA TYR A 56 -21.81 2.54 5.44
C TYR A 56 -22.51 3.89 5.48
N GLU A 57 -23.80 3.89 5.80
CA GLU A 57 -24.57 5.13 5.91
C GLU A 57 -25.21 5.24 7.30
N LEU A 58 -24.88 6.31 8.02
CA LEU A 58 -25.49 6.58 9.33
C LEU A 58 -26.92 7.04 9.16
N LYS A 59 -27.83 6.43 9.92
CA LYS A 59 -29.21 6.86 9.97
C LYS A 59 -29.37 7.95 11.03
N GLU A 60 -30.58 8.47 11.20
CA GLU A 60 -30.86 9.49 12.21
C GLU A 60 -30.62 8.97 13.62
N ASP A 61 -30.96 7.69 13.86
CA ASP A 61 -30.79 7.06 15.17
C ASP A 61 -29.38 6.51 15.44
N LYS A 62 -28.41 6.90 14.60
CA LYS A 62 -26.99 6.55 14.77
C LYS A 62 -26.64 5.08 14.48
N SER A 63 -27.60 4.31 13.98
CA SER A 63 -27.31 2.98 13.46
C SER A 63 -26.83 3.12 12.02
N TYR A 64 -26.13 2.10 11.53
CA TYR A 64 -25.67 2.09 10.15
C TYR A 64 -26.57 1.25 9.27
N ASN A 65 -26.87 1.77 8.08
CA ASN A 65 -27.41 0.95 6.99
CA ASN A 65 -27.42 0.95 7.00
C ASN A 65 -26.23 0.47 6.16
N VAL A 66 -25.95 -0.82 6.23
CA VAL A 66 -24.76 -1.39 5.57
C VAL A 66 -25.15 -2.17 4.32
N THR A 67 -24.83 -1.60 3.16
CA THR A 67 -25.18 -2.19 1.87
C THR A 67 -23.91 -2.64 1.16
N SER A 68 -23.87 -3.93 0.79
CA SER A 68 -22.73 -4.47 0.06
C SER A 68 -23.14 -4.90 -1.34
N VAL A 69 -22.23 -4.74 -2.30
CA VAL A 69 -22.47 -5.16 -3.68
C VAL A 69 -21.29 -6.00 -4.19
N LEU A 70 -21.62 -7.09 -4.87
CA LEU A 70 -20.60 -7.96 -5.47
C LEU A 70 -20.99 -8.37 -6.88
N PHE A 71 -19.99 -8.69 -7.70
CA PHE A 71 -20.19 -9.10 -9.08
C PHE A 71 -20.24 -10.63 -9.15
N ARG A 72 -21.44 -11.16 -9.42
CA ARG A 72 -21.65 -12.61 -9.52
C ARG A 72 -22.63 -12.95 -10.62
N LYS A 73 -22.26 -13.92 -11.46
CA LYS A 73 -23.11 -14.42 -12.54
C LYS A 73 -23.52 -13.30 -13.50
N LYS A 74 -22.55 -12.45 -13.83
CA LYS A 74 -22.73 -11.32 -14.76
C LYS A 74 -23.67 -10.22 -14.24
N LYS A 75 -24.00 -10.27 -12.96
CA LYS A 75 -24.92 -9.29 -12.35
C LYS A 75 -24.37 -8.78 -11.03
N CYS A 76 -24.91 -7.66 -10.58
CA CYS A 76 -24.56 -7.07 -9.29
C CYS A 76 -25.54 -7.55 -8.23
N ASP A 77 -25.03 -8.31 -7.26
CA ASP A 77 -25.84 -8.80 -6.15
C ASP A 77 -25.68 -7.87 -4.95
N TYR A 78 -26.80 -7.32 -4.48
CA TYR A 78 -26.79 -6.43 -3.33
C TYR A 78 -27.30 -7.16 -2.09
N TRP A 79 -26.73 -6.86 -0.93
CA TRP A 79 -27.28 -7.33 0.33
C TRP A 79 -27.14 -6.29 1.44
N ILE A 80 -28.19 -6.18 2.25
CA ILE A 80 -28.34 -5.08 3.19
C ILE A 80 -28.46 -5.59 4.62
N ARG A 81 -27.85 -4.86 5.55
CA ARG A 81 -28.00 -5.15 6.98
C ARG A 81 -27.87 -3.89 7.82
N THR A 82 -28.30 -3.99 9.07
CA THR A 82 -28.31 -2.88 10.01
C THR A 82 -27.36 -3.18 11.16
N PHE A 83 -26.37 -2.31 11.35
CA PHE A 83 -25.46 -2.42 12.49
C PHE A 83 -25.92 -1.46 13.59
N VAL A 84 -26.35 -2.03 14.71
CA VAL A 84 -26.83 -1.26 15.87
C VAL A 84 -25.68 -1.03 16.84
N PRO A 85 -25.47 0.23 17.27
CA PRO A 85 -24.38 0.54 18.22
C PRO A 85 -24.37 -0.35 19.45
N GLY A 86 -23.18 -0.83 19.83
CA GLY A 86 -23.03 -1.79 20.92
C GLY A 86 -22.67 -1.15 22.25
N SER A 87 -21.93 -1.90 23.08
CA SER A 87 -21.59 -1.46 24.43
C SER A 87 -20.64 -0.27 24.46
N GLN A 88 -19.82 -0.13 23.41
CA GLN A 88 -18.89 1.01 23.30
C GLN A 88 -18.76 1.46 21.84
N PRO A 89 -18.33 2.72 21.62
CA PRO A 89 -18.21 3.24 20.25
C PRO A 89 -17.21 2.43 19.40
N GLY A 90 -17.62 2.08 18.19
CA GLY A 90 -16.85 1.20 17.31
C GLY A 90 -17.29 -0.25 17.36
N GLU A 91 -18.29 -0.53 18.20
CA GLU A 91 -18.85 -1.87 18.37
CA GLU A 91 -18.85 -1.87 18.36
C GLU A 91 -20.31 -1.88 17.95
N PHE A 92 -20.76 -3.00 17.35
CA PHE A 92 -22.13 -3.11 16.86
C PHE A 92 -22.70 -4.52 16.95
N THR A 93 -24.03 -4.60 17.01
CA THR A 93 -24.76 -5.86 16.83
C THR A 93 -25.68 -5.74 15.63
N LEU A 94 -26.23 -6.86 15.18
CA LEU A 94 -27.08 -6.90 14.00
C LEU A 94 -28.54 -6.62 14.37
N GLY A 95 -29.18 -5.76 13.59
CA GLY A 95 -30.59 -5.45 13.76
C GLY A 95 -31.46 -6.49 13.07
N ASN A 96 -32.66 -6.73 13.62
CA ASN A 96 -33.62 -7.68 13.06
C ASN A 96 -33.00 -9.07 12.85
N ILE A 97 -32.35 -9.58 13.89
CA ILE A 97 -31.68 -10.88 13.84
C ILE A 97 -32.65 -12.03 13.52
N LYS A 98 -33.92 -11.87 13.90
CA LYS A 98 -34.96 -12.86 13.64
C LYS A 98 -35.23 -13.12 12.14
N SER A 99 -34.93 -12.13 11.30
CA SER A 99 -35.09 -12.28 9.85
C SER A 99 -34.03 -13.16 9.19
N TYR A 100 -33.02 -13.56 9.97
CA TYR A 100 -31.95 -14.43 9.47
C TYR A 100 -32.08 -15.84 10.07
N PRO A 101 -32.56 -16.82 9.28
CA PRO A 101 -32.70 -18.19 9.78
C PRO A 101 -31.39 -18.81 10.28
N GLY A 102 -31.40 -19.29 11.52
CA GLY A 102 -30.24 -19.95 12.12
C GLY A 102 -29.31 -19.06 12.91
N LEU A 103 -29.51 -17.75 12.83
CA LEU A 103 -28.57 -16.78 13.40
C LEU A 103 -28.99 -16.39 14.82
N THR A 104 -28.14 -16.73 15.80
CA THR A 104 -28.41 -16.43 17.21
C THR A 104 -27.50 -15.34 17.79
N SER A 105 -26.43 -15.01 17.07
CA SER A 105 -25.44 -14.03 17.55
C SER A 105 -24.69 -13.38 16.37
N TYR A 106 -24.42 -12.08 16.49
CA TYR A 106 -23.70 -11.33 15.46
C TYR A 106 -23.06 -10.08 16.06
N LEU A 107 -21.74 -10.00 16.02
CA LEU A 107 -20.99 -8.90 16.61
C LEU A 107 -19.99 -8.30 15.63
N VAL A 108 -19.88 -6.97 15.65
CA VAL A 108 -18.93 -6.24 14.82
C VAL A 108 -18.08 -5.34 15.71
N ARG A 109 -16.76 -5.37 15.49
CA ARG A 109 -15.82 -4.50 16.21
C ARG A 109 -14.83 -3.86 15.24
N VAL A 110 -14.82 -2.54 15.19
CA VAL A 110 -13.84 -1.80 14.39
C VAL A 110 -12.50 -1.81 15.12
N VAL A 111 -11.52 -2.51 14.55
CA VAL A 111 -10.22 -2.72 15.18
C VAL A 111 -9.32 -1.50 15.05
N SER A 112 -9.18 -1.01 13.81
CA SER A 112 -8.39 0.18 13.53
C SER A 112 -8.87 0.86 12.26
N THR A 113 -8.65 2.17 12.18
CA THR A 113 -8.95 2.94 10.98
C THR A 113 -8.38 4.36 11.04
N ASN A 114 -8.04 4.90 9.87
CA ASN A 114 -7.74 6.33 9.73
C ASN A 114 -8.84 7.06 8.94
N TYR A 115 -9.93 6.34 8.66
CA TYR A 115 -11.15 6.90 8.06
C TYR A 115 -11.08 7.30 6.58
N ASN A 116 -9.92 7.72 6.10
CA ASN A 116 -9.81 8.18 4.71
C ASN A 116 -8.99 7.28 3.77
N GLN A 117 -8.30 6.28 4.31
CA GLN A 117 -7.56 5.31 3.49
C GLN A 117 -7.89 3.86 3.82
N HIS A 118 -7.90 3.52 5.12
CA HIS A 118 -7.99 2.12 5.51
C HIS A 118 -8.73 1.87 6.83
N ALA A 119 -9.07 0.60 7.02
CA ALA A 119 -9.76 0.15 8.23
C ALA A 119 -9.65 -1.37 8.35
N MET A 120 -9.62 -1.86 9.58
CA MET A 120 -9.71 -3.29 9.86
C MET A 120 -10.91 -3.52 10.78
N VAL A 121 -11.80 -4.41 10.35
CA VAL A 121 -13.03 -4.69 11.11
C VAL A 121 -13.14 -6.18 11.39
N PHE A 122 -13.41 -6.49 12.66
CA PHE A 122 -13.58 -7.86 13.13
C PHE A 122 -15.07 -8.19 13.23
N PHE A 123 -15.47 -9.33 12.67
CA PHE A 123 -16.84 -9.81 12.78
C PHE A 123 -16.87 -11.16 13.49
N LYS A 124 -17.91 -11.40 14.28
CA LYS A 124 -18.14 -12.72 14.87
C LYS A 124 -19.63 -13.03 14.89
N LYS A 125 -19.98 -14.24 14.50
CA LYS A 125 -21.37 -14.67 14.51
C LYS A 125 -21.53 -16.14 14.87
N VAL A 126 -22.70 -16.48 15.40
CA VAL A 126 -23.08 -17.87 15.62
C VAL A 126 -24.27 -18.19 14.71
N SER A 127 -24.05 -19.11 13.77
CA SER A 127 -25.07 -19.53 12.81
C SER A 127 -25.15 -21.06 12.79
N GLN A 128 -26.36 -21.60 12.94
CA GLN A 128 -26.56 -23.05 13.09
C GLN A 128 -25.70 -23.63 14.23
N ASN A 129 -25.61 -22.88 15.33
CA ASN A 129 -24.78 -23.25 16.49
C ASN A 129 -23.26 -23.36 16.22
N ARG A 130 -22.82 -22.88 15.05
CA ARG A 130 -21.41 -22.88 14.68
C ARG A 130 -20.89 -21.46 14.77
N GLU A 131 -19.75 -21.28 15.44
CA GLU A 131 -19.18 -19.96 15.66
C GLU A 131 -18.18 -19.59 14.58
N TYR A 132 -18.50 -18.54 13.83
CA TYR A 132 -17.65 -18.04 12.76
C TYR A 132 -17.07 -16.68 13.13
N PHE A 133 -15.85 -16.42 12.67
CA PHE A 133 -15.28 -15.07 12.75
C PHE A 133 -14.54 -14.71 11.47
N LYS A 134 -14.48 -13.41 11.17
CA LYS A 134 -13.71 -12.92 10.04
C LYS A 134 -13.13 -11.53 10.32
N ILE A 135 -12.03 -11.23 9.65
CA ILE A 135 -11.45 -9.89 9.67
C ILE A 135 -11.44 -9.35 8.25
N THR A 136 -11.95 -8.14 8.08
CA THR A 136 -11.99 -7.46 6.78
CA THR A 136 -11.98 -7.47 6.78
C THR A 136 -10.97 -6.34 6.76
N LEU A 137 -10.15 -6.29 5.71
CA LEU A 137 -9.25 -5.17 5.49
C LEU A 137 -9.95 -4.26 4.51
N TYR A 138 -10.41 -3.11 5.01
CA TYR A 138 -11.11 -2.15 4.18
C TYR A 138 -10.12 -1.16 3.56
N GLY A 139 -10.36 -0.85 2.30
CA GLY A 139 -9.56 0.13 1.58
C GLY A 139 -10.46 1.20 0.99
N ARG A 140 -10.07 2.45 1.14
CA ARG A 140 -10.80 3.55 0.53
C ARG A 140 -10.56 3.53 -0.98
N THR A 141 -9.39 3.03 -1.38
CA THR A 141 -9.09 2.67 -2.76
C THR A 141 -8.99 1.15 -2.88
N LYS A 142 -8.93 0.66 -4.12
CA LYS A 142 -8.85 -0.78 -4.41
C LYS A 142 -7.47 -1.37 -4.11
N GLU A 143 -6.47 -0.50 -4.06
CA GLU A 143 -5.09 -0.91 -3.75
C GLU A 143 -4.67 -0.32 -2.41
N LEU A 144 -3.92 -1.10 -1.63
CA LEU A 144 -3.32 -0.61 -0.39
C LEU A 144 -1.83 -0.99 -0.36
N THR A 145 -1.08 -0.34 0.53
CA THR A 145 0.36 -0.57 0.64
C THR A 145 0.66 -1.97 1.17
N SER A 146 1.88 -2.44 0.89
CA SER A 146 2.34 -3.74 1.37
C SER A 146 2.47 -3.76 2.89
N GLU A 147 2.82 -2.62 3.47
CA GLU A 147 2.91 -2.46 4.92
C GLU A 147 1.57 -2.73 5.60
N LEU A 148 0.50 -2.18 5.04
CA LEU A 148 -0.86 -2.35 5.59
C LEU A 148 -1.37 -3.78 5.38
N LYS A 149 -1.08 -4.36 4.23
CA LYS A 149 -1.47 -5.73 3.94
C LYS A 149 -0.74 -6.75 4.82
N GLU A 150 0.54 -6.50 5.09
CA GLU A 150 1.32 -7.36 5.99
C GLU A 150 0.88 -7.22 7.45
N ASN A 151 0.45 -6.01 7.82
CA ASN A 151 -0.12 -5.76 9.14
C ASN A 151 -1.40 -6.56 9.36
N PHE A 152 -2.23 -6.62 8.32
CA PHE A 152 -3.48 -7.37 8.32
C PHE A 152 -3.21 -8.88 8.40
N ILE A 153 -2.20 -9.35 7.68
CA ILE A 153 -1.78 -10.75 7.73
C ILE A 153 -1.35 -11.17 9.14
N ARG A 154 -0.54 -10.34 9.79
CA ARG A 154 0.00 -10.70 11.11
C ARG A 154 -1.07 -10.62 12.20
N PHE A 155 -2.01 -9.70 12.05
CA PHE A 155 -3.14 -9.61 12.95
C PHE A 155 -4.06 -10.83 12.81
N SER A 156 -4.30 -11.24 11.58
CA SER A 156 -5.08 -12.44 11.30
C SER A 156 -4.41 -13.69 11.88
N LYS A 157 -3.09 -13.76 11.76
CA LYS A 157 -2.30 -14.87 12.31
C LYS A 157 -2.33 -14.86 13.84
N SER A 158 -2.33 -13.68 14.44
CA SER A 158 -2.40 -13.54 15.89
C SER A 158 -3.73 -14.07 16.46
N LEU A 159 -4.77 -14.06 15.64
CA LEU A 159 -6.08 -14.59 16.04
C LEU A 159 -6.26 -16.08 15.69
N GLY A 160 -5.20 -16.70 15.17
CA GLY A 160 -5.16 -18.15 14.98
C GLY A 160 -5.32 -18.66 13.55
N LEU A 161 -5.37 -17.75 12.58
CA LEU A 161 -5.64 -18.13 11.19
C LEU A 161 -4.35 -18.37 10.40
N PRO A 162 -4.30 -19.48 9.63
CA PRO A 162 -3.17 -19.71 8.71
C PRO A 162 -3.30 -18.95 7.39
N GLU A 163 -2.21 -18.93 6.62
CA GLU A 163 -2.13 -18.19 5.35
C GLU A 163 -3.24 -18.57 4.36
N ASN A 164 -3.59 -19.86 4.30
CA ASN A 164 -4.64 -20.33 3.39
C ASN A 164 -6.06 -19.94 3.83
N HIS A 165 -6.18 -19.31 5.00
CA HIS A 165 -7.44 -18.71 5.46
C HIS A 165 -7.44 -17.19 5.33
N ILE A 166 -6.45 -16.64 4.64
CA ILE A 166 -6.34 -15.21 4.39
CA ILE A 166 -6.39 -15.21 4.37
C ILE A 166 -6.30 -14.95 2.88
N VAL A 167 -7.23 -14.13 2.38
CA VAL A 167 -7.36 -13.84 0.96
C VAL A 167 -7.28 -12.34 0.69
N PHE A 168 -6.77 -11.98 -0.49
CA PHE A 168 -6.77 -10.61 -0.97
C PHE A 168 -7.53 -10.56 -2.29
N PRO A 169 -8.83 -10.24 -2.25
CA PRO A 169 -9.67 -10.23 -3.45
C PRO A 169 -9.11 -9.37 -4.59
N VAL A 170 -9.27 -9.86 -5.81
CA VAL A 170 -8.74 -9.19 -7.00
C VAL A 170 -9.64 -8.00 -7.39
N PRO A 171 -9.03 -6.80 -7.55
CA PRO A 171 -9.78 -5.62 -8.00
C PRO A 171 -10.56 -5.83 -9.30
N ILE A 172 -11.80 -5.34 -9.34
CA ILE A 172 -12.62 -5.35 -10.56
C ILE A 172 -13.24 -3.97 -10.77
N ASP A 173 -13.87 -3.78 -11.93
CA ASP A 173 -14.57 -2.53 -12.23
C ASP A 173 -16.09 -2.67 -12.18
N GLN A 174 -16.60 -3.89 -12.39
CA GLN A 174 -18.05 -4.13 -12.37
C GLN A 174 -18.65 -3.93 -10.98
N CYS A 175 -19.80 -3.25 -10.94
CA CYS A 175 -20.63 -3.07 -9.72
C CYS A 175 -20.05 -2.19 -8.62
N ILE A 176 -18.73 -2.25 -8.46
CA ILE A 176 -18.08 -1.66 -7.28
CA ILE A 176 -18.03 -1.70 -7.31
C ILE A 176 -17.60 -0.23 -7.49
N ASP A 177 -17.62 0.24 -8.73
CA ASP A 177 -17.25 1.64 -9.06
C ASP A 177 -18.38 2.67 -8.91
N GLY A 178 -19.58 2.21 -8.57
N GLY A 178 -19.59 2.22 -8.54
CA GLY A 178 -20.75 3.09 -8.46
CA GLY A 178 -20.74 3.11 -8.42
C GLY A 178 -20.70 4.00 -7.25
C GLY A 178 -20.60 4.14 -7.32
N SER B 5 10.94 -36.24 -8.03
CA SER B 5 9.66 -36.85 -7.56
C SER B 5 9.38 -36.46 -6.11
N ASP B 6 8.90 -35.23 -5.87
CA ASP B 6 8.72 -34.19 -6.89
C ASP B 6 9.23 -32.87 -6.30
N LEU B 7 10.08 -32.17 -7.05
CA LEU B 7 10.70 -30.94 -6.57
C LEU B 7 10.07 -29.70 -7.20
N ILE B 8 9.79 -28.70 -6.37
CA ILE B 8 9.29 -27.41 -6.86
C ILE B 8 10.31 -26.81 -7.83
N PRO B 9 9.87 -26.38 -9.02
CA PRO B 9 10.82 -25.98 -10.06
C PRO B 9 11.78 -24.86 -9.65
N ALA B 10 13.00 -24.92 -10.17
CA ALA B 10 13.98 -23.87 -9.96
C ALA B 10 13.62 -22.67 -10.84
N PRO B 11 13.65 -21.45 -10.26
CA PRO B 11 13.23 -20.27 -11.02
C PRO B 11 14.28 -19.85 -12.05
N PRO B 12 13.86 -19.04 -13.05
CA PRO B 12 14.83 -18.54 -14.02
C PRO B 12 15.84 -17.56 -13.42
N LEU B 13 16.98 -17.42 -14.07
CA LEU B 13 18.04 -16.50 -13.64
C LEU B 13 17.59 -15.04 -13.73
N SER B 14 16.69 -14.75 -14.66
CA SER B 14 16.12 -13.40 -14.81
C SER B 14 15.24 -13.02 -13.62
N LYS B 15 14.63 -14.02 -12.97
CA LYS B 15 13.77 -13.78 -11.81
C LYS B 15 14.57 -13.51 -10.52
N VAL B 16 15.87 -13.86 -10.52
CA VAL B 16 16.74 -13.64 -9.38
C VAL B 16 17.70 -12.48 -9.65
N PRO B 17 17.52 -11.34 -8.95
CA PRO B 17 18.40 -10.19 -9.19
C PRO B 17 19.80 -10.35 -8.60
N LEU B 18 20.73 -9.54 -9.08
CA LEU B 18 22.09 -9.47 -8.56
C LEU B 18 22.28 -8.13 -7.85
N GLN B 19 23.04 -8.13 -6.75
CA GLN B 19 23.35 -6.91 -6.02
C GLN B 19 24.10 -5.94 -6.94
N GLN B 20 23.61 -4.71 -7.03
CA GLN B 20 24.18 -3.69 -7.91
C GLN B 20 25.49 -3.15 -7.33
N ASN B 21 26.55 -3.17 -8.16
CA ASN B 21 27.88 -2.71 -7.76
C ASN B 21 28.37 -3.45 -6.51
N PHE B 22 28.48 -4.76 -6.61
CA PHE B 22 28.84 -5.62 -5.48
C PHE B 22 30.25 -5.32 -4.97
N GLN B 23 30.41 -5.37 -3.64
CA GLN B 23 31.67 -5.08 -2.98
C GLN B 23 32.07 -6.25 -2.07
N ASP B 24 33.02 -7.05 -2.55
CA ASP B 24 33.45 -8.28 -1.86
C ASP B 24 34.16 -8.01 -0.52
N ASN B 25 34.86 -6.87 -0.44
CA ASN B 25 35.60 -6.51 0.76
C ASN B 25 34.71 -6.25 1.98
N GLN B 26 33.52 -5.70 1.73
CA GLN B 26 32.54 -5.44 2.79
C GLN B 26 31.76 -6.70 3.19
N PHE B 27 31.59 -7.64 2.26
CA PHE B 27 30.80 -8.84 2.48
C PHE B 27 31.51 -9.90 3.34
N GLN B 28 32.84 -9.83 3.43
CA GLN B 28 33.62 -10.83 4.14
C GLN B 28 33.28 -10.88 5.64
N GLY B 29 33.41 -12.07 6.23
CA GLY B 29 33.16 -12.27 7.66
C GLY B 29 32.04 -13.25 7.96
N LYS B 30 31.75 -13.43 9.26
CA LYS B 30 30.72 -14.37 9.71
C LYS B 30 29.31 -13.81 9.56
N TRP B 31 28.43 -14.62 8.97
CA TRP B 31 26.99 -14.31 8.90
C TRP B 31 26.20 -15.36 9.67
N TYR B 32 25.19 -14.91 10.41
CA TYR B 32 24.24 -15.81 11.05
C TYR B 32 23.09 -16.09 10.09
N VAL B 33 22.80 -17.37 9.86
CA VAL B 33 21.69 -17.77 9.01
C VAL B 33 20.37 -17.59 9.76
N VAL B 34 19.72 -16.44 9.52
CA VAL B 34 18.50 -16.06 10.23
C VAL B 34 17.24 -16.52 9.47
N GLY B 35 17.35 -16.63 8.15
CA GLY B 35 16.26 -17.13 7.32
C GLY B 35 16.75 -18.18 6.34
N LEU B 36 15.95 -19.23 6.16
CA LEU B 36 16.31 -20.36 5.30
C LEU B 36 15.10 -20.89 4.54
N ALA B 37 15.04 -20.59 3.24
CA ALA B 37 13.97 -21.04 2.36
C ALA B 37 14.58 -21.85 1.22
N GLY B 38 13.92 -22.94 0.83
CA GLY B 38 14.44 -23.79 -0.23
C GLY B 38 13.51 -24.83 -0.81
N ASN B 39 13.99 -25.47 -1.87
CA ASN B 39 13.26 -26.51 -2.59
C ASN B 39 13.14 -27.79 -1.77
N ALA B 40 14.29 -28.29 -1.31
CA ALA B 40 14.35 -29.48 -0.45
C ALA B 40 14.24 -29.09 1.02
N ILE B 41 14.52 -27.82 1.32
CA ILE B 41 14.35 -27.29 2.67
C ILE B 41 12.86 -27.31 3.00
N LEU B 42 12.51 -28.02 4.08
CA LEU B 42 11.12 -28.22 4.48
C LEU B 42 10.80 -27.38 5.70
N GLN B 49 14.71 -26.23 13.94
CA GLN B 49 15.92 -25.91 13.18
C GLN B 49 16.88 -25.05 14.02
N LYS B 50 17.93 -25.69 14.54
CA LYS B 50 18.96 -24.99 15.31
C LYS B 50 19.80 -24.11 14.39
N MET B 51 20.13 -22.91 14.86
CA MET B 51 20.83 -21.92 14.02
C MET B 51 22.27 -22.33 13.77
N TYR B 52 22.78 -21.97 12.59
CA TYR B 52 24.17 -22.19 12.23
C TYR B 52 24.76 -20.92 11.59
N ALA B 53 26.09 -20.84 11.57
CA ALA B 53 26.81 -19.67 11.05
C ALA B 53 27.71 -20.06 9.90
N THR B 54 28.00 -19.09 9.03
CA THR B 54 28.85 -19.30 7.87
C THR B 54 29.90 -18.19 7.76
N ILE B 55 31.17 -18.57 7.88
CA ILE B 55 32.29 -17.64 7.83
C ILE B 55 32.80 -17.48 6.40
N TYR B 56 32.70 -16.26 5.87
CA TYR B 56 33.20 -15.94 4.54
C TYR B 56 34.59 -15.31 4.61
N GLU B 57 35.61 -16.17 4.51
CA GLU B 57 37.00 -15.73 4.57
C GLU B 57 37.49 -15.31 3.19
N LEU B 58 37.68 -14.00 3.00
CA LEU B 58 38.15 -13.48 1.71
C LEU B 58 39.63 -13.82 1.52
N LYS B 59 39.89 -14.76 0.61
CA LYS B 59 41.26 -15.24 0.36
C LYS B 59 42.12 -14.19 -0.32
N ASP B 61 42.74 -16.46 -4.57
CA ASP B 61 42.99 -15.42 -3.58
C ASP B 61 42.25 -14.11 -3.83
N LYS B 62 41.17 -14.17 -4.60
CA LYS B 62 40.17 -13.11 -4.67
C LYS B 62 38.82 -13.75 -4.40
N SER B 63 38.87 -14.96 -3.84
CA SER B 63 37.74 -15.86 -3.72
C SER B 63 37.39 -16.01 -2.25
N TYR B 64 36.49 -16.93 -1.95
CA TYR B 64 36.02 -17.13 -0.58
C TYR B 64 36.29 -18.56 -0.09
N ASN B 65 36.71 -18.65 1.17
CA ASN B 65 36.83 -19.93 1.87
C ASN B 65 35.69 -20.05 2.87
N VAL B 66 34.65 -20.80 2.48
CA VAL B 66 33.41 -20.86 3.25
C VAL B 66 33.44 -21.95 4.31
N THR B 67 33.46 -21.53 5.58
CA THR B 67 33.42 -22.44 6.72
C THR B 67 32.07 -22.34 7.41
N SER B 68 31.35 -23.46 7.48
CA SER B 68 30.02 -23.49 8.10
C SER B 68 30.06 -24.06 9.51
N VAL B 69 29.85 -23.18 10.49
CA VAL B 69 29.79 -23.57 11.90
C VAL B 69 28.36 -24.00 12.24
N LEU B 70 28.20 -25.29 12.51
CA LEU B 70 26.91 -25.87 12.87
C LEU B 70 27.05 -26.77 14.09
N PHE B 71 26.02 -26.74 14.92
CA PHE B 71 25.97 -27.47 16.19
C PHE B 71 25.09 -28.70 16.01
N ARG B 72 25.64 -29.89 16.27
CA ARG B 72 24.87 -31.11 16.06
C ARG B 72 25.47 -32.36 16.72
N LYS B 73 24.62 -33.04 17.51
CA LYS B 73 24.91 -34.40 18.02
C LYS B 73 25.84 -34.60 19.22
N LYS B 74 26.00 -33.65 20.15
CA LYS B 74 25.79 -32.24 19.97
C LYS B 74 27.25 -31.84 20.17
N LYS B 75 27.86 -31.38 19.09
CA LYS B 75 29.29 -31.14 19.04
C LYS B 75 29.37 -29.95 18.14
N CYS B 76 30.57 -29.58 17.71
CA CYS B 76 30.67 -28.51 16.74
C CYS B 76 31.27 -29.07 15.46
N ASP B 77 30.48 -28.99 14.37
CA ASP B 77 30.84 -29.55 13.07
C ASP B 77 31.29 -28.44 12.14
N TYR B 78 32.23 -28.76 11.26
CA TYR B 78 32.74 -27.79 10.29
C TYR B 78 32.60 -28.34 8.87
N TRP B 79 31.85 -27.61 8.05
CA TRP B 79 31.74 -27.89 6.62
C TRP B 79 32.58 -26.86 5.85
N ILE B 80 33.68 -27.31 5.24
CA ILE B 80 34.58 -26.45 4.49
C ILE B 80 34.29 -26.52 2.99
N ARG B 81 34.03 -25.36 2.38
CA ARG B 81 33.81 -25.26 0.94
C ARG B 81 34.49 -24.01 0.38
N THR B 82 34.74 -24.00 -0.92
CA THR B 82 35.41 -22.89 -1.59
C THR B 82 34.47 -22.23 -2.60
N PHE B 83 34.37 -20.90 -2.54
CA PHE B 83 33.47 -20.13 -3.41
C PHE B 83 34.29 -19.28 -4.39
N VAL B 84 34.37 -19.73 -5.65
CA VAL B 84 35.13 -19.03 -6.68
C VAL B 84 34.23 -18.03 -7.43
N PRO B 85 34.70 -16.78 -7.61
CA PRO B 85 33.88 -15.76 -8.29
C PRO B 85 33.56 -16.10 -9.75
N GLY B 86 32.33 -15.78 -10.17
CA GLY B 86 31.83 -16.10 -11.50
C GLY B 86 31.95 -14.94 -12.48
N SER B 87 30.98 -14.87 -13.40
CA SER B 87 31.00 -13.87 -14.48
C SER B 87 30.86 -12.44 -13.95
N GLN B 88 29.76 -12.19 -13.23
CA GLN B 88 29.49 -10.88 -12.64
C GLN B 88 30.01 -10.82 -11.20
N PRO B 89 30.41 -9.62 -10.74
CA PRO B 89 30.77 -9.48 -9.34
C PRO B 89 29.54 -9.62 -8.44
N GLY B 90 29.58 -10.60 -7.53
CA GLY B 90 28.43 -10.96 -6.70
C GLY B 90 28.02 -12.41 -6.89
N GLU B 91 28.37 -12.99 -8.03
CA GLU B 91 28.07 -14.38 -8.34
C GLU B 91 29.29 -15.27 -8.10
N PHE B 92 29.05 -16.51 -7.65
CA PHE B 92 30.12 -17.46 -7.36
C PHE B 92 29.80 -18.88 -7.81
N THR B 93 30.84 -19.70 -7.95
CA THR B 93 30.70 -21.14 -8.20
C THR B 93 31.50 -21.93 -7.16
N LEU B 94 31.23 -23.23 -7.08
CA LEU B 94 31.90 -24.10 -6.11
C LEU B 94 33.33 -24.42 -6.53
N GLY B 95 34.27 -24.19 -5.62
CA GLY B 95 35.67 -24.52 -5.86
C GLY B 95 35.88 -26.02 -5.68
N ASN B 96 36.67 -26.61 -6.55
CA ASN B 96 36.87 -28.07 -6.58
C ASN B 96 35.53 -28.82 -6.71
N ILE B 97 34.70 -28.33 -7.63
CA ILE B 97 33.36 -28.89 -7.84
C ILE B 97 33.37 -30.35 -8.33
N LYS B 98 34.47 -30.75 -8.96
CA LYS B 98 34.64 -32.12 -9.46
C LYS B 98 34.76 -33.16 -8.34
N SER B 99 35.27 -32.74 -7.18
CA SER B 99 35.52 -33.65 -6.06
C SER B 99 34.25 -34.11 -5.34
N TYR B 100 33.14 -33.40 -5.54
CA TYR B 100 31.86 -33.74 -4.92
C TYR B 100 31.11 -34.75 -5.79
N PRO B 101 30.86 -35.97 -5.27
CA PRO B 101 30.11 -36.97 -6.04
C PRO B 101 28.67 -36.52 -6.35
N GLY B 102 28.31 -36.51 -7.63
CA GLY B 102 26.96 -36.14 -8.06
C GLY B 102 26.84 -34.71 -8.55
N LEU B 103 27.58 -33.80 -7.92
CA LEU B 103 27.49 -32.37 -8.21
C LEU B 103 28.05 -32.03 -9.60
N THR B 104 27.15 -31.75 -10.54
CA THR B 104 27.52 -31.39 -11.91
C THR B 104 27.57 -29.88 -12.11
N SER B 105 26.57 -29.18 -11.55
CA SER B 105 26.53 -27.71 -11.60
C SER B 105 26.32 -27.11 -10.21
N TYR B 106 26.83 -25.89 -10.02
CA TYR B 106 26.68 -25.18 -8.76
C TYR B 106 26.80 -23.66 -9.00
N LEU B 107 25.86 -22.91 -8.47
CA LEU B 107 25.82 -21.46 -8.66
C LEU B 107 25.37 -20.74 -7.39
N VAL B 108 26.03 -19.63 -7.10
CA VAL B 108 25.67 -18.78 -5.96
C VAL B 108 25.56 -17.34 -6.45
N ARG B 109 24.51 -16.64 -6.01
CA ARG B 109 24.34 -15.23 -6.33
C ARG B 109 23.84 -14.44 -5.12
N VAL B 110 24.52 -13.34 -4.83
CA VAL B 110 24.08 -12.42 -3.78
C VAL B 110 22.95 -11.55 -4.36
N VAL B 111 21.74 -11.76 -3.84
CA VAL B 111 20.56 -11.07 -4.34
C VAL B 111 20.57 -9.60 -3.95
N SER B 112 20.71 -9.35 -2.64
CA SER B 112 20.74 -7.99 -2.11
C SER B 112 21.53 -7.93 -0.81
N THR B 113 22.11 -6.77 -0.52
CA THR B 113 22.86 -6.59 0.72
C THR B 113 23.18 -5.12 0.99
N ASN B 114 23.04 -4.71 2.24
CA ASN B 114 23.60 -3.44 2.73
C ASN B 114 24.93 -3.67 3.45
N TYR B 115 25.41 -4.91 3.42
CA TYR B 115 26.73 -5.31 3.96
C TYR B 115 26.83 -5.25 5.49
N ASN B 116 26.49 -4.10 6.07
CA ASN B 116 26.66 -3.86 7.50
C ASN B 116 25.70 -4.65 8.40
N GLN B 117 24.48 -4.88 7.94
CA GLN B 117 23.42 -5.46 8.77
C GLN B 117 22.92 -6.82 8.28
N HIS B 118 22.44 -6.87 7.04
CA HIS B 118 21.82 -8.08 6.50
C HIS B 118 22.15 -8.30 5.02
N ALA B 119 21.93 -9.53 4.56
CA ALA B 119 22.20 -9.92 3.18
C ALA B 119 21.24 -11.01 2.71
N MET B 120 21.10 -11.15 1.39
CA MET B 120 20.22 -12.13 0.79
C MET B 120 20.96 -12.88 -0.31
N VAL B 121 21.19 -14.18 -0.10
CA VAL B 121 22.03 -14.99 -1.00
C VAL B 121 21.27 -16.17 -1.62
N PHE B 122 21.24 -16.21 -2.94
CA PHE B 122 20.59 -17.29 -3.69
C PHE B 122 21.59 -18.42 -4.00
N PHE B 123 21.14 -19.66 -3.83
CA PHE B 123 21.96 -20.83 -4.11
C PHE B 123 21.23 -21.80 -5.03
N LYS B 124 21.94 -22.28 -6.06
CA LYS B 124 21.39 -23.27 -7.00
C LYS B 124 22.45 -24.31 -7.34
N LYS B 125 22.02 -25.56 -7.52
CA LYS B 125 22.92 -26.65 -7.86
C LYS B 125 22.21 -27.76 -8.64
N VAL B 126 23.00 -28.55 -9.36
CA VAL B 126 22.51 -29.76 -10.02
C VAL B 126 23.31 -30.95 -9.50
N SER B 127 22.68 -31.74 -8.63
CA SER B 127 23.31 -32.92 -8.05
C SER B 127 22.43 -34.13 -8.35
N GLN B 128 23.03 -35.16 -8.95
CA GLN B 128 22.31 -36.37 -9.35
C GLN B 128 21.16 -36.03 -10.30
N ASN B 129 21.44 -35.13 -11.25
CA ASN B 129 20.46 -34.71 -12.25
C ASN B 129 19.18 -34.15 -11.63
N ARG B 130 19.29 -33.59 -10.43
CA ARG B 130 18.16 -32.98 -9.75
C ARG B 130 18.51 -31.52 -9.49
N GLU B 131 17.71 -30.62 -10.05
CA GLU B 131 17.96 -29.20 -9.84
C GLU B 131 17.33 -28.74 -8.54
N TYR B 132 18.18 -28.48 -7.54
CA TYR B 132 17.74 -27.98 -6.25
C TYR B 132 18.14 -26.51 -6.12
N PHE B 133 17.42 -25.77 -5.28
CA PHE B 133 17.75 -24.37 -5.01
C PHE B 133 17.31 -23.94 -3.61
N LYS B 134 17.96 -22.90 -3.10
CA LYS B 134 17.60 -22.32 -1.81
C LYS B 134 18.06 -20.87 -1.68
N ILE B 135 17.29 -20.08 -0.95
CA ILE B 135 17.64 -18.69 -0.66
C ILE B 135 17.94 -18.56 0.83
N THR B 136 19.15 -18.09 1.14
CA THR B 136 19.56 -17.86 2.53
C THR B 136 19.51 -16.37 2.86
N LEU B 137 18.85 -16.04 3.97
CA LEU B 137 18.83 -14.68 4.51
C LEU B 137 19.92 -14.56 5.57
N TYR B 138 20.95 -13.78 5.28
CA TYR B 138 22.07 -13.61 6.20
C TYR B 138 21.87 -12.37 7.07
N GLY B 139 22.30 -12.47 8.32
CA GLY B 139 22.30 -11.35 9.27
C GLY B 139 23.56 -11.37 10.10
N ARG B 140 24.12 -10.20 10.36
CA ARG B 140 25.38 -10.09 11.12
C ARG B 140 25.11 -10.25 12.62
N THR B 141 23.86 -9.97 13.01
CA THR B 141 23.37 -10.27 14.35
C THR B 141 22.40 -11.45 14.30
N LYS B 142 22.21 -12.12 15.43
CA LYS B 142 21.32 -13.28 15.51
C LYS B 142 19.85 -12.94 15.29
N GLU B 143 19.46 -11.73 15.70
CA GLU B 143 18.07 -11.26 15.58
C GLU B 143 17.81 -10.62 14.22
N LEU B 144 16.53 -10.35 13.94
CA LEU B 144 16.11 -9.73 12.69
C LEU B 144 14.90 -8.83 12.90
N LYS B 149 12.69 -10.04 7.74
CA LYS B 149 11.98 -11.30 7.93
C LYS B 149 10.78 -11.41 6.98
N GLU B 150 9.92 -10.39 6.99
CA GLU B 150 8.73 -10.37 6.13
C GLU B 150 9.11 -10.20 4.66
N ASN B 151 10.10 -9.35 4.39
CA ASN B 151 10.61 -9.14 3.03
C ASN B 151 11.25 -10.39 2.44
N PHE B 152 11.80 -11.25 3.31
CA PHE B 152 12.41 -12.52 2.89
C PHE B 152 11.36 -13.53 2.41
N ILE B 153 10.23 -13.58 3.11
CA ILE B 153 9.14 -14.48 2.73
C ILE B 153 8.51 -14.05 1.40
N ARG B 154 8.39 -12.73 1.19
CA ARG B 154 7.84 -12.19 -0.04
C ARG B 154 8.70 -12.54 -1.26
N PHE B 155 10.01 -12.50 -1.09
CA PHE B 155 10.96 -12.85 -2.16
C PHE B 155 10.98 -14.37 -2.40
N SER B 156 10.88 -15.14 -1.32
CA SER B 156 10.85 -16.61 -1.41
C SER B 156 9.64 -17.10 -2.19
N LYS B 157 8.49 -16.47 -1.96
CA LYS B 157 7.24 -16.83 -2.65
C LYS B 157 7.23 -16.43 -4.12
N SER B 158 7.97 -15.37 -4.46
CA SER B 158 8.08 -14.92 -5.85
C SER B 158 8.97 -15.85 -6.66
N GLY B 160 9.50 -19.91 -6.66
CA GLY B 160 8.28 -19.64 -5.89
C GLY B 160 7.96 -20.72 -4.87
N LEU B 161 8.39 -20.50 -3.63
CA LEU B 161 8.26 -21.50 -2.57
C LEU B 161 7.08 -21.17 -1.64
N PRO B 162 6.39 -22.21 -1.14
CA PRO B 162 5.34 -22.01 -0.14
C PRO B 162 5.90 -21.74 1.26
N GLU B 163 5.01 -21.46 2.21
CA GLU B 163 5.41 -21.14 3.58
C GLU B 163 6.03 -22.34 4.32
N ASN B 164 5.62 -23.55 3.94
CA ASN B 164 6.14 -24.78 4.55
C ASN B 164 7.63 -24.97 4.27
N HIS B 165 8.08 -24.56 3.08
CA HIS B 165 9.49 -24.61 2.72
C HIS B 165 10.31 -23.54 3.43
N ILE B 166 9.69 -22.40 3.71
CA ILE B 166 10.35 -21.29 4.39
C ILE B 166 10.55 -21.60 5.88
N VAL B 167 11.76 -21.40 6.37
CA VAL B 167 12.12 -21.70 7.77
C VAL B 167 12.88 -20.52 8.39
N PHE B 168 12.72 -20.35 9.71
CA PHE B 168 13.43 -19.32 10.47
C PHE B 168 14.11 -19.95 11.69
N PRO B 169 15.37 -20.38 11.53
CA PRO B 169 16.12 -21.08 12.59
C PRO B 169 16.15 -20.36 13.94
N VAL B 170 16.11 -21.14 15.02
CA VAL B 170 16.12 -20.61 16.39
C VAL B 170 17.56 -20.32 16.85
N PRO B 171 17.84 -19.07 17.28
CA PRO B 171 19.18 -18.68 17.72
C PRO B 171 19.79 -19.57 18.81
N ILE B 172 21.12 -19.63 18.84
CA ILE B 172 21.86 -20.44 19.81
C ILE B 172 23.20 -19.79 20.17
N ASP B 173 23.80 -20.27 21.26
CA ASP B 173 25.07 -19.74 21.77
C ASP B 173 26.25 -20.67 21.49
N GLN B 174 25.97 -21.95 21.22
CA GLN B 174 27.02 -22.95 21.02
C GLN B 174 27.61 -22.89 19.61
N CYS B 175 28.94 -23.04 19.53
CA CYS B 175 29.68 -23.11 18.26
C CYS B 175 29.73 -21.79 17.47
N ILE B 176 28.57 -21.22 17.17
CA ILE B 176 28.46 -20.11 16.22
C ILE B 176 28.99 -18.75 16.73
N ASP B 177 29.38 -18.68 18.00
CA ASP B 177 29.98 -17.47 18.57
C ASP B 177 31.42 -17.73 18.99
N THR C 4 -0.33 38.88 -24.72
CA THR C 4 -0.99 37.56 -24.48
C THR C 4 -1.16 36.83 -25.81
N SER C 5 -0.33 35.81 -26.04
CA SER C 5 -0.53 34.89 -27.16
C SER C 5 0.42 33.70 -27.15
N ASP C 6 -0.01 32.63 -27.82
CA ASP C 6 0.69 31.35 -27.96
C ASP C 6 0.85 30.53 -26.67
N LEU C 7 0.22 29.35 -26.66
CA LEU C 7 0.09 28.52 -25.45
C LEU C 7 0.41 27.05 -25.69
N ILE C 8 1.00 26.43 -24.67
CA ILE C 8 1.15 24.97 -24.65
C ILE C 8 -0.26 24.39 -24.56
N PRO C 9 -0.58 23.42 -25.42
CA PRO C 9 -1.95 22.91 -25.46
C PRO C 9 -2.36 22.18 -24.18
N ALA C 10 -3.64 22.29 -23.84
CA ALA C 10 -4.19 21.51 -22.73
C ALA C 10 -4.06 20.03 -23.08
N PRO C 11 -3.71 19.19 -22.09
CA PRO C 11 -3.56 17.77 -22.36
C PRO C 11 -4.92 17.10 -22.52
N PRO C 12 -4.97 15.92 -23.16
CA PRO C 12 -6.21 15.17 -23.13
C PRO C 12 -6.49 14.72 -21.71
N LEU C 13 -7.76 14.71 -21.31
CA LEU C 13 -8.14 14.34 -19.94
C LEU C 13 -7.77 12.90 -19.60
N SER C 14 -7.57 12.06 -20.61
CA SER C 14 -7.08 10.69 -20.44
C SER C 14 -5.72 10.63 -19.74
N LYS C 15 -4.94 11.70 -19.86
CA LYS C 15 -3.64 11.81 -19.16
C LYS C 15 -3.73 12.43 -17.77
N VAL C 16 -4.93 12.81 -17.35
CA VAL C 16 -5.14 13.44 -16.04
C VAL C 16 -5.97 12.50 -15.15
N PRO C 17 -5.32 11.77 -14.24
CA PRO C 17 -6.06 10.87 -13.36
C PRO C 17 -7.10 11.57 -12.47
N LEU C 18 -8.08 10.79 -12.01
CA LEU C 18 -9.05 11.24 -11.05
C LEU C 18 -8.89 10.41 -9.78
N GLN C 19 -8.83 11.07 -8.64
CA GLN C 19 -8.71 10.39 -7.35
C GLN C 19 -9.86 9.40 -7.16
N GLN C 20 -9.50 8.14 -6.94
CA GLN C 20 -10.49 7.09 -6.70
C GLN C 20 -11.27 7.34 -5.41
N ASN C 21 -12.58 7.12 -5.47
CA ASN C 21 -13.48 7.21 -4.31
C ASN C 21 -13.25 8.49 -3.51
N PHE C 22 -13.39 9.64 -4.19
CA PHE C 22 -13.10 10.94 -3.59
C PHE C 22 -14.01 11.24 -2.39
N GLN C 23 -13.38 11.71 -1.31
CA GLN C 23 -14.09 12.01 -0.07
CA GLN C 23 -14.08 12.00 -0.06
C GLN C 23 -14.17 13.52 0.14
N ASP C 24 -15.31 14.10 -0.20
CA ASP C 24 -15.50 15.55 -0.11
C ASP C 24 -15.35 16.10 1.32
N ASN C 25 -15.79 15.33 2.31
CA ASN C 25 -15.67 15.72 3.71
C ASN C 25 -14.21 15.77 4.18
N GLN C 26 -13.40 14.82 3.73
CA GLN C 26 -12.00 14.74 4.14
C GLN C 26 -11.11 15.77 3.43
N PHE C 27 -11.53 16.20 2.24
CA PHE C 27 -10.76 17.15 1.44
C PHE C 27 -10.91 18.60 1.89
N GLN C 28 -11.93 18.89 2.70
CA GLN C 28 -12.19 20.27 3.12
C GLN C 28 -11.16 20.77 4.14
N GLY C 29 -11.16 22.08 4.36
CA GLY C 29 -10.15 22.73 5.21
C GLY C 29 -9.21 23.58 4.38
N LYS C 30 -8.10 23.98 4.99
CA LYS C 30 -7.11 24.86 4.34
C LYS C 30 -5.99 24.07 3.67
N TRP C 31 -5.65 24.45 2.44
CA TRP C 31 -4.48 23.91 1.74
C TRP C 31 -3.55 25.06 1.35
N TYR C 32 -2.25 24.83 1.50
CA TYR C 32 -1.24 25.75 0.99
C TYR C 32 -0.81 25.31 -0.40
N VAL C 33 -0.55 26.29 -1.27
CA VAL C 33 -0.09 26.01 -2.63
C VAL C 33 1.44 25.94 -2.62
N VAL C 34 1.97 24.74 -2.39
CA VAL C 34 3.41 24.52 -2.29
C VAL C 34 4.05 24.33 -3.67
N GLY C 35 3.22 24.05 -4.67
CA GLY C 35 3.67 23.92 -6.05
C GLY C 35 2.60 24.35 -7.03
N LEU C 36 3.03 24.98 -8.13
CA LEU C 36 2.13 25.53 -9.13
C LEU C 36 2.75 25.32 -10.51
N ALA C 37 2.01 24.69 -11.43
CA ALA C 37 2.46 24.54 -12.81
C ALA C 37 1.30 24.75 -13.79
N GLY C 38 1.61 25.27 -14.97
CA GLY C 38 0.59 25.48 -15.99
C GLY C 38 1.07 26.27 -17.20
N ASN C 39 0.25 26.33 -18.24
CA ASN C 39 0.64 26.96 -19.51
C ASN C 39 0.65 28.49 -19.49
N ALA C 40 0.05 29.09 -18.46
CA ALA C 40 0.15 30.54 -18.22
C ALA C 40 0.98 30.84 -16.98
N ILE C 41 1.67 29.83 -16.45
CA ILE C 41 2.54 29.99 -15.29
C ILE C 41 3.99 30.03 -15.76
N LEU C 42 4.72 31.05 -15.32
CA LEU C 42 6.13 31.23 -15.70
C LEU C 42 7.00 31.52 -14.49
N ARG C 43 8.20 30.95 -14.47
CA ARG C 43 9.16 31.22 -13.41
CA ARG C 43 9.17 31.21 -13.42
C ARG C 43 9.66 32.67 -13.52
N GLU C 44 9.73 33.34 -12.37
CA GLU C 44 10.15 34.74 -12.33
C GLU C 44 11.21 34.90 -11.23
N ASP C 45 12.47 34.82 -11.61
CA ASP C 45 13.60 34.89 -10.67
C ASP C 45 13.67 36.21 -9.92
N LYS C 46 13.33 37.31 -10.59
CA LYS C 46 13.39 38.64 -10.01
C LYS C 46 12.38 38.81 -8.87
N ASP C 47 11.14 38.43 -9.14
CA ASP C 47 10.05 38.51 -8.16
C ASP C 47 9.35 37.16 -8.03
N PRO C 48 9.94 36.23 -7.25
CA PRO C 48 9.40 34.87 -7.09
C PRO C 48 7.96 34.81 -6.61
N GLN C 49 7.21 33.84 -7.12
CA GLN C 49 5.82 33.62 -6.71
C GLN C 49 5.75 33.39 -5.20
N LYS C 50 4.89 34.14 -4.53
CA LYS C 50 4.68 33.97 -3.09
C LYS C 50 3.61 32.93 -2.85
N MET C 51 3.77 32.17 -1.77
CA MET C 51 2.81 31.15 -1.40
C MET C 51 1.46 31.79 -1.04
N TYR C 52 0.39 31.22 -1.58
CA TYR C 52 -0.96 31.56 -1.15
C TYR C 52 -1.67 30.30 -0.64
N ALA C 53 -2.87 30.48 -0.09
CA ALA C 53 -3.62 29.39 0.51
C ALA C 53 -5.05 29.38 -0.03
N THR C 54 -5.66 28.20 -0.02
CA THR C 54 -7.03 28.02 -0.50
C THR C 54 -7.80 27.19 0.53
N ILE C 55 -8.96 27.71 0.94
CA ILE C 55 -9.80 27.05 1.94
C ILE C 55 -11.06 26.51 1.27
N TYR C 56 -11.29 25.20 1.42
CA TYR C 56 -12.46 24.53 0.87
C TYR C 56 -13.46 24.30 1.98
N GLU C 57 -14.65 24.89 1.86
CA GLU C 57 -15.70 24.74 2.87
C GLU C 57 -16.89 24.02 2.27
N LEU C 58 -17.16 22.82 2.79
CA LEU C 58 -18.20 21.96 2.24
C LEU C 58 -19.57 22.47 2.69
N LYS C 59 -20.43 22.80 1.73
CA LYS C 59 -21.81 23.20 2.02
C LYS C 59 -22.70 21.98 2.20
N GLU C 60 -23.89 22.21 2.75
CA GLU C 60 -24.92 21.19 2.93
C GLU C 60 -25.44 20.67 1.59
N ASP C 61 -25.48 21.55 0.59
CA ASP C 61 -25.84 21.13 -0.77
C ASP C 61 -24.68 20.44 -1.50
N LYS C 62 -23.57 20.20 -0.79
CA LYS C 62 -22.41 19.44 -1.25
C LYS C 62 -21.49 20.15 -2.25
N SER C 63 -21.77 21.41 -2.54
CA SER C 63 -20.82 22.26 -3.26
C SER C 63 -19.82 22.82 -2.25
N TYR C 64 -18.71 23.36 -2.76
CA TYR C 64 -17.71 24.02 -1.93
C TYR C 64 -17.79 25.53 -2.08
N ASN C 65 -17.74 26.24 -0.96
CA ASN C 65 -17.35 27.65 -0.96
C ASN C 65 -15.82 27.66 -0.89
N VAL C 66 -15.17 28.18 -1.92
CA VAL C 66 -13.72 28.13 -2.04
C VAL C 66 -13.15 29.53 -1.90
N THR C 67 -12.31 29.74 -0.89
CA THR C 67 -11.70 31.03 -0.63
C THR C 67 -10.18 30.94 -0.70
N SER C 68 -9.59 31.74 -1.57
CA SER C 68 -8.14 31.82 -1.69
C SER C 68 -7.63 33.17 -1.17
N VAL C 69 -6.46 33.13 -0.53
CA VAL C 69 -5.88 34.30 0.13
C VAL C 69 -4.43 34.49 -0.31
N LEU C 70 -4.12 35.65 -0.91
CA LEU C 70 -2.77 35.98 -1.37
C LEU C 70 -2.27 37.31 -0.80
N PHE C 71 -0.96 37.40 -0.57
CA PHE C 71 -0.33 38.64 -0.15
C PHE C 71 0.19 39.39 -1.37
N ARG C 72 -0.49 40.45 -1.76
CA ARG C 72 -0.17 41.22 -2.96
C ARG C 72 -0.29 42.72 -2.71
N LYS C 73 0.78 43.45 -3.04
CA LYS C 73 0.82 44.91 -2.94
C LYS C 73 0.52 45.38 -1.51
N LYS C 74 1.23 44.80 -0.55
CA LYS C 74 1.08 45.11 0.87
C LYS C 74 -0.32 44.84 1.44
N LYS C 75 -1.14 44.09 0.69
CA LYS C 75 -2.51 43.79 1.11
C LYS C 75 -2.83 42.30 0.97
N CYS C 76 -3.83 41.87 1.73
CA CYS C 76 -4.38 40.52 1.63
C CYS C 76 -5.51 40.52 0.62
N ASP C 77 -5.28 39.87 -0.52
CA ASP C 77 -6.28 39.75 -1.57
C ASP C 77 -7.06 38.45 -1.44
N TYR C 78 -8.38 38.57 -1.30
CA TYR C 78 -9.26 37.41 -1.18
C TYR C 78 -10.08 37.27 -2.45
N TRP C 79 -10.28 36.03 -2.89
CA TRP C 79 -11.28 35.77 -3.93
C TRP C 79 -12.03 34.48 -3.67
N ILE C 80 -13.34 34.52 -3.91
CA ILE C 80 -14.26 33.46 -3.53
C ILE C 80 -14.91 32.84 -4.77
N ARG C 81 -14.94 31.51 -4.80
CA ARG C 81 -15.60 30.77 -5.87
CA ARG C 81 -15.55 30.73 -5.88
C ARG C 81 -16.49 29.68 -5.29
N THR C 82 -17.42 29.20 -6.09
CA THR C 82 -18.26 28.06 -5.72
C THR C 82 -17.92 26.93 -6.68
N PHE C 83 -17.45 25.82 -6.13
CA PHE C 83 -17.18 24.61 -6.90
C PHE C 83 -18.39 23.68 -6.75
N VAL C 84 -19.12 23.51 -7.84
CA VAL C 84 -20.29 22.63 -7.86
C VAL C 84 -19.84 21.23 -8.29
N PRO C 85 -20.35 20.18 -7.61
CA PRO C 85 -19.98 18.81 -7.97
C PRO C 85 -20.18 18.49 -9.44
N GLY C 86 -19.14 17.96 -10.08
CA GLY C 86 -19.16 17.68 -11.51
C GLY C 86 -19.68 16.30 -11.84
N SER C 87 -19.32 15.82 -13.03
CA SER C 87 -19.84 14.54 -13.55
C SER C 87 -19.39 13.33 -12.74
N GLN C 88 -18.18 13.39 -12.19
CA GLN C 88 -17.63 12.33 -11.34
CA GLN C 88 -17.63 12.33 -11.34
C GLN C 88 -17.18 12.90 -10.00
N PRO C 89 -17.25 12.08 -8.92
CA PRO C 89 -16.71 12.55 -7.64
C PRO C 89 -15.23 12.89 -7.72
N GLY C 90 -14.86 14.06 -7.20
CA GLY C 90 -13.51 14.62 -7.36
C GLY C 90 -13.43 15.69 -8.43
N GLU C 91 -14.49 15.82 -9.23
CA GLU C 91 -14.57 16.85 -10.26
C GLU C 91 -15.54 17.96 -9.88
N PHE C 92 -15.28 19.17 -10.36
CA PHE C 92 -16.14 20.31 -10.07
C PHE C 92 -16.24 21.29 -11.24
N THR C 93 -17.41 21.89 -11.37
CA THR C 93 -17.64 23.01 -12.27
C THR C 93 -17.76 24.29 -11.45
N LEU C 94 -17.68 25.43 -12.11
CA LEU C 94 -17.79 26.73 -11.44
C LEU C 94 -19.26 27.15 -11.35
N GLY C 95 -19.68 27.53 -10.15
CA GLY C 95 -20.99 28.12 -9.96
C GLY C 95 -21.02 29.53 -10.52
N ASN C 96 -22.14 29.89 -11.15
CA ASN C 96 -22.33 31.24 -11.69
C ASN C 96 -21.27 31.68 -12.69
N ILE C 97 -21.02 30.83 -13.68
CA ILE C 97 -19.99 31.12 -14.68
C ILE C 97 -20.30 32.39 -15.49
N LYS C 98 -21.59 32.72 -15.61
CA LYS C 98 -22.02 33.93 -16.33
C LYS C 98 -21.55 35.22 -15.67
N SER C 99 -21.34 35.20 -14.35
CA SER C 99 -20.86 36.36 -13.60
C SER C 99 -19.36 36.65 -13.83
N TYR C 100 -18.66 35.75 -14.53
CA TYR C 100 -17.24 35.93 -14.86
C TYR C 100 -17.10 36.31 -16.34
N PRO C 101 -16.68 37.57 -16.62
CA PRO C 101 -16.56 38.05 -18.00
C PRO C 101 -15.56 37.28 -18.87
N GLY C 102 -16.03 36.78 -20.01
CA GLY C 102 -15.19 36.06 -20.96
C GLY C 102 -14.92 34.60 -20.64
N LEU C 103 -15.41 34.13 -19.49
CA LEU C 103 -15.19 32.75 -19.05
C LEU C 103 -16.35 31.89 -19.57
N THR C 104 -16.03 30.96 -20.47
CA THR C 104 -17.02 30.08 -21.07
C THR C 104 -16.90 28.61 -20.64
N SER C 105 -15.83 28.27 -19.93
CA SER C 105 -15.60 26.90 -19.46
C SER C 105 -14.71 26.89 -18.23
N TYR C 106 -14.97 25.95 -17.31
CA TYR C 106 -14.20 25.83 -16.08
C TYR C 106 -14.34 24.43 -15.47
N LEU C 107 -13.21 23.73 -15.33
CA LEU C 107 -13.23 22.36 -14.83
C LEU C 107 -12.14 22.15 -13.78
N VAL C 108 -12.51 21.49 -12.69
CA VAL C 108 -11.58 21.11 -11.64
C VAL C 108 -11.60 19.59 -11.52
N ARG C 109 -10.42 18.98 -11.42
CA ARG C 109 -10.30 17.55 -11.19
C ARG C 109 -9.22 17.27 -10.16
N VAL C 110 -9.61 16.67 -9.04
CA VAL C 110 -8.62 16.25 -8.03
C VAL C 110 -7.94 14.98 -8.54
N VAL C 111 -6.64 15.09 -8.78
CA VAL C 111 -5.85 14.01 -9.38
C VAL C 111 -5.47 12.95 -8.35
N SER C 112 -5.00 13.40 -7.20
CA SER C 112 -4.61 12.51 -6.12
C SER C 112 -4.57 13.29 -4.80
N THR C 113 -4.81 12.58 -3.70
CA THR C 113 -4.73 13.17 -2.36
C THR C 113 -4.77 12.08 -1.29
N ASN C 114 -4.07 12.32 -0.18
CA ASN C 114 -4.22 11.49 1.02
C ASN C 114 -4.96 12.25 2.12
N TYR C 115 -5.48 13.43 1.78
CA TYR C 115 -6.38 14.23 2.64
C TYR C 115 -5.72 14.90 3.84
N ASN C 116 -4.81 14.22 4.52
CA ASN C 116 -4.15 14.73 5.72
CA ASN C 116 -4.16 14.76 5.71
C ASN C 116 -2.78 15.35 5.46
N GLN C 117 -2.26 15.22 4.23
CA GLN C 117 -0.91 15.71 3.92
C GLN C 117 -0.79 16.51 2.62
N HIS C 118 -1.08 15.85 1.50
CA HIS C 118 -0.87 16.46 0.17
C HIS C 118 -2.02 16.18 -0.76
N ALA C 119 -2.10 16.99 -1.81
CA ALA C 119 -3.09 16.83 -2.87
C ALA C 119 -2.55 17.43 -4.17
N MET C 120 -2.96 16.84 -5.29
CA MET C 120 -2.68 17.40 -6.60
C MET C 120 -4.00 17.65 -7.29
N VAL C 121 -4.20 18.87 -7.78
CA VAL C 121 -5.47 19.26 -8.40
C VAL C 121 -5.26 19.92 -9.77
N PHE C 122 -5.99 19.43 -10.75
CA PHE C 122 -5.93 19.90 -12.13
C PHE C 122 -7.06 20.90 -12.40
N PHE C 123 -6.71 22.05 -12.98
CA PHE C 123 -7.68 23.08 -13.34
C PHE C 123 -7.61 23.36 -14.83
N LYS C 124 -8.77 23.51 -15.46
CA LYS C 124 -8.85 23.85 -16.87
C LYS C 124 -9.97 24.84 -17.12
N LYS C 125 -9.66 25.91 -17.85
CA LYS C 125 -10.67 26.92 -18.19
C LYS C 125 -10.46 27.47 -19.60
N VAL C 126 -11.53 28.01 -20.16
CA VAL C 126 -11.47 28.73 -21.43
C VAL C 126 -11.90 30.17 -21.14
N SER C 127 -10.94 31.10 -21.28
CA SER C 127 -11.19 32.52 -21.04
C SER C 127 -10.73 33.31 -22.26
N GLN C 128 -11.63 34.14 -22.79
CA GLN C 128 -11.42 34.84 -24.06
C GLN C 128 -11.05 33.84 -25.17
N ASN C 129 -11.75 32.71 -25.20
CA ASN C 129 -11.55 31.65 -26.18
C ASN C 129 -10.15 31.02 -26.18
N ARG C 130 -9.38 31.27 -25.11
CA ARG C 130 -8.06 30.68 -24.94
C ARG C 130 -8.09 29.66 -23.81
N GLU C 131 -7.56 28.47 -24.06
CA GLU C 131 -7.63 27.37 -23.11
C GLU C 131 -6.40 27.32 -22.20
N TYR C 132 -6.61 27.62 -20.93
CA TYR C 132 -5.56 27.57 -19.92
C TYR C 132 -5.73 26.33 -19.05
N PHE C 133 -4.61 25.76 -18.61
CA PHE C 133 -4.64 24.71 -17.60
C PHE C 133 -3.53 24.91 -16.58
N LYS C 134 -3.75 24.38 -15.39
CA LYS C 134 -2.74 24.38 -14.35
C LYS C 134 -2.90 23.20 -13.40
N ILE C 135 -1.82 22.86 -12.72
CA ILE C 135 -1.82 21.88 -11.67
C ILE C 135 -1.28 22.54 -10.41
N THR C 136 -1.99 22.33 -9.30
CA THR C 136 -1.54 22.82 -8.01
CA THR C 136 -1.55 22.82 -8.00
C THR C 136 -1.11 21.66 -7.12
N LEU C 137 0.00 21.83 -6.41
CA LEU C 137 0.43 20.87 -5.43
C LEU C 137 0.02 21.46 -4.08
N TYR C 138 -0.95 20.82 -3.43
CA TYR C 138 -1.48 21.31 -2.17
C TYR C 138 -0.77 20.64 -0.99
N GLY C 139 -0.54 21.44 0.06
CA GLY C 139 0.03 20.94 1.30
C GLY C 139 -0.81 21.36 2.49
N ARG C 140 -0.98 20.44 3.44
CA ARG C 140 -1.67 20.74 4.69
C ARG C 140 -0.80 21.70 5.52
N THR C 141 0.52 21.57 5.37
CA THR C 141 1.49 22.50 5.91
C THR C 141 2.21 23.21 4.75
N LYS C 142 3.10 24.15 5.09
CA LYS C 142 3.82 24.95 4.08
C LYS C 142 4.96 24.21 3.37
N GLU C 143 5.34 23.04 3.88
CA GLU C 143 6.41 22.25 3.28
C GLU C 143 5.96 20.82 2.96
N LEU C 144 6.53 20.26 1.89
CA LEU C 144 6.35 18.84 1.56
C LEU C 144 7.69 18.19 1.22
N THR C 145 7.72 16.86 1.23
CA THR C 145 8.94 16.10 0.97
C THR C 145 9.48 16.35 -0.44
N SER C 146 10.75 16.01 -0.63
CA SER C 146 11.38 16.03 -1.94
C SER C 146 10.71 15.04 -2.90
N GLU C 147 10.23 13.93 -2.35
CA GLU C 147 9.55 12.90 -3.15
C GLU C 147 8.27 13.42 -3.77
N LEU C 148 7.46 14.11 -2.98
CA LEU C 148 6.19 14.69 -3.45
C LEU C 148 6.44 15.79 -4.48
N LYS C 149 7.43 16.63 -4.20
CA LYS C 149 7.87 17.68 -5.12
C LYS C 149 8.26 17.10 -6.47
N GLU C 150 9.05 16.02 -6.44
CA GLU C 150 9.50 15.35 -7.65
C GLU C 150 8.35 14.65 -8.38
N ASN C 151 7.45 14.02 -7.63
CA ASN C 151 6.23 13.43 -8.19
C ASN C 151 5.42 14.46 -8.98
N PHE C 152 5.29 15.65 -8.40
CA PHE C 152 4.57 16.77 -9.01
C PHE C 152 5.24 17.27 -10.28
N ILE C 153 6.57 17.36 -10.26
CA ILE C 153 7.33 17.76 -11.45
C ILE C 153 7.14 16.75 -12.58
N ARG C 154 7.32 15.47 -12.27
CA ARG C 154 7.12 14.40 -13.26
C ARG C 154 5.74 14.43 -13.89
N PHE C 155 4.71 14.63 -13.07
CA PHE C 155 3.33 14.68 -13.55
C PHE C 155 3.10 15.90 -14.43
N SER C 156 3.63 17.05 -14.01
CA SER C 156 3.53 18.30 -14.78
C SER C 156 4.16 18.16 -16.17
N LYS C 157 5.29 17.44 -16.24
CA LYS C 157 5.99 17.20 -17.50
C LYS C 157 5.24 16.22 -18.39
N SER C 158 4.56 15.25 -17.78
CA SER C 158 3.74 14.29 -18.53
C SER C 158 2.57 14.98 -19.25
N LEU C 159 2.16 16.15 -18.75
CA LEU C 159 1.12 16.97 -19.40
C LEU C 159 1.72 18.02 -20.36
N GLY C 160 3.03 17.91 -20.62
CA GLY C 160 3.69 18.71 -21.66
C GLY C 160 4.28 20.03 -21.22
N LEU C 161 4.37 20.26 -19.91
CA LEU C 161 4.94 21.49 -19.38
C LEU C 161 6.45 21.35 -19.16
N PRO C 162 7.24 22.34 -19.64
CA PRO C 162 8.67 22.37 -19.34
C PRO C 162 8.96 22.97 -17.96
N GLU C 163 10.22 22.83 -17.51
CA GLU C 163 10.64 23.23 -16.16
C GLU C 163 10.34 24.68 -15.79
N ASN C 164 10.45 25.59 -16.76
CA ASN C 164 10.20 27.01 -16.51
C ASN C 164 8.73 27.37 -16.32
N HIS C 165 7.84 26.40 -16.58
CA HIS C 165 6.41 26.55 -16.31
C HIS C 165 5.99 25.86 -14.99
N ILE C 166 6.97 25.46 -14.19
CA ILE C 166 6.74 24.78 -12.92
C ILE C 166 7.38 25.59 -11.79
N VAL C 167 6.55 26.12 -10.91
CA VAL C 167 6.99 27.02 -9.83
C VAL C 167 6.71 26.43 -8.45
N PHE C 168 7.55 26.77 -7.48
CA PHE C 168 7.36 26.41 -6.08
C PHE C 168 7.32 27.67 -5.22
N PRO C 169 6.11 28.19 -4.98
CA PRO C 169 5.90 29.41 -4.19
C PRO C 169 6.63 29.43 -2.85
N VAL C 170 7.29 30.56 -2.57
CA VAL C 170 8.07 30.70 -1.35
CA VAL C 170 8.07 30.72 -1.34
C VAL C 170 7.13 30.90 -0.14
N PRO C 171 7.31 30.08 0.92
CA PRO C 171 6.46 30.24 2.10
C PRO C 171 6.51 31.65 2.70
N ILE C 172 5.35 32.16 3.12
CA ILE C 172 5.26 33.43 3.83
C ILE C 172 4.32 33.30 5.03
N ASP C 173 4.31 34.32 5.87
CA ASP C 173 3.45 34.36 7.06
C ASP C 173 2.23 35.27 6.89
N GLN C 174 2.37 36.29 6.04
CA GLN C 174 1.31 37.27 5.83
C GLN C 174 0.07 36.67 5.14
N CYS C 175 -1.10 37.01 5.68
CA CYS C 175 -2.42 36.64 5.12
C CYS C 175 -2.80 35.16 5.23
N ILE C 176 -1.92 34.27 4.80
CA ILE C 176 -2.27 32.86 4.62
C ILE C 176 -2.39 32.05 5.92
N ASP C 177 -1.79 32.55 7.00
CA ASP C 177 -1.91 31.91 8.32
C ASP C 177 -3.03 32.55 9.12
#